data_2ZK2
#
_entry.id   2ZK2
#
_cell.length_a   93.381
_cell.length_b   61.347
_cell.length_c   118.687
_cell.angle_alpha   90.00
_cell.angle_beta   103.02
_cell.angle_gamma   90.00
#
_symmetry.space_group_name_H-M   'C 1 2 1'
#
loop_
_entity.id
_entity.type
_entity.pdbx_description
1 polymer 'Peroxisome proliferator-activated receptor gamma'
2 non-polymer GLUTATHIONE
3 non-polymer '(5E,14E)-11-oxoprosta-5,9,12,14-tetraen-1-oic acid'
4 water water
#
_entity_poly.entity_id   1
_entity_poly.type   'polypeptide(L)'
_entity_poly.pdbx_seq_one_letter_code
;GSHMAEISSDIDQLNPESADLRALAKHLYDSYIKSFPLTKAKARAILTGKTTDKSPFVIYDMNSLMMGEDKIKFKHITPL
QEQSKEVAIRIFQGCQFRSVEAVQEITEYAKSIPGFVNLDLNDQVTLLKYGVHEIIYTMLASLMNKDGVLISEGQGFMTR
EFLKSLRKPFGDFMEPKFEFAVKFNALELDDSDLAIFIAVIILSGDRPGLLNVKPIEDIQDNLLQALELQLKLNHPESSQ
LFAKLLQKMTDLRQIVTEHVQLLQVIKKTETDMSLHPLLQEIYKDL
;
_entity_poly.pdbx_strand_id   A,B
#
# COMPACT_ATOMS: atom_id res chain seq x y z
N GLN A 13 -13.81 8.74 -31.22
CA GLN A 13 -12.66 9.66 -31.47
C GLN A 13 -12.60 10.74 -30.38
N LEU A 14 -11.56 11.59 -30.45
CA LEU A 14 -11.32 12.68 -29.49
C LEU A 14 -12.55 13.35 -28.86
N ASN A 15 -12.74 13.14 -27.56
CA ASN A 15 -13.87 13.73 -26.85
C ASN A 15 -13.51 15.09 -26.27
N PRO A 16 -14.55 15.91 -26.05
CA PRO A 16 -14.37 17.25 -25.50
C PRO A 16 -13.80 17.16 -24.08
N GLU A 17 -14.20 16.11 -23.36
CA GLU A 17 -13.76 15.88 -21.99
C GLU A 17 -12.31 15.39 -21.90
N SER A 18 -11.95 14.47 -22.78
CA SER A 18 -10.60 13.94 -22.82
C SER A 18 -9.70 15.09 -23.30
N ALA A 19 -10.32 16.05 -23.97
CA ALA A 19 -9.56 17.21 -24.46
C ALA A 19 -8.96 17.95 -23.25
N ASP A 20 -9.76 18.09 -22.20
CA ASP A 20 -9.33 18.76 -20.96
C ASP A 20 -8.29 17.97 -20.19
N LEU A 21 -8.40 16.65 -20.25
CA LEU A 21 -7.48 15.76 -19.55
C LEU A 21 -6.10 15.72 -20.21
N ARG A 22 -6.06 15.95 -21.52
CA ARG A 22 -4.77 15.92 -22.21
C ARG A 22 -4.02 17.22 -21.90
N ALA A 23 -4.76 18.31 -21.82
CA ALA A 23 -4.15 19.60 -21.54
C ALA A 23 -3.55 19.56 -20.13
N LEU A 24 -4.26 18.90 -19.22
CA LEU A 24 -3.80 18.77 -17.84
C LEU A 24 -2.49 17.98 -17.84
N ALA A 25 -2.42 16.98 -18.70
CA ALA A 25 -1.26 16.12 -18.81
C ALA A 25 -0.06 16.88 -19.37
N LYS A 26 -0.30 17.64 -20.43
CA LYS A 26 0.76 18.43 -21.06
C LYS A 26 1.28 19.45 -20.07
N HIS A 27 0.38 20.00 -19.26
CA HIS A 27 0.72 20.99 -18.24
C HIS A 27 1.60 20.42 -17.14
N LEU A 28 1.22 19.26 -16.62
CA LEU A 28 2.00 18.63 -15.55
C LEU A 28 3.35 18.20 -16.07
N TYR A 29 3.37 17.66 -17.30
CA TYR A 29 4.62 17.21 -17.91
C TYR A 29 5.54 18.40 -18.07
N ASP A 30 4.99 19.47 -18.63
CA ASP A 30 5.72 20.72 -18.85
C ASP A 30 6.31 21.24 -17.53
N SER A 31 5.52 21.19 -16.46
CA SER A 31 5.92 21.66 -15.13
C SER A 31 6.98 20.76 -14.51
N TYR A 32 6.87 19.48 -14.82
CA TYR A 32 7.78 18.45 -14.32
C TYR A 32 9.19 18.67 -14.89
N ILE A 33 9.26 18.92 -16.19
CA ILE A 33 10.54 19.16 -16.83
C ILE A 33 11.10 20.44 -16.25
N LYS A 34 10.23 21.41 -15.99
CA LYS A 34 10.69 22.66 -15.45
C LYS A 34 11.17 22.55 -13.99
N SER A 35 10.65 21.57 -13.25
CA SER A 35 11.04 21.39 -11.84
C SER A 35 12.12 20.36 -11.52
N PHE A 36 12.39 19.45 -12.45
CA PHE A 36 13.39 18.42 -12.22
C PHE A 36 14.56 18.42 -13.19
N PRO A 37 15.72 18.92 -12.75
CA PRO A 37 16.94 19.00 -13.56
C PRO A 37 17.24 17.73 -14.33
N LEU A 38 17.21 16.59 -13.64
CA LEU A 38 17.52 15.32 -14.27
C LEU A 38 16.32 14.41 -14.49
N THR A 39 15.77 14.41 -15.71
CA THR A 39 14.62 13.58 -16.05
C THR A 39 15.04 12.13 -16.23
N LYS A 40 14.05 11.26 -16.40
CA LYS A 40 14.32 9.84 -16.61
C LYS A 40 14.96 9.63 -18.00
N ALA A 41 14.57 10.44 -18.97
CA ALA A 41 15.11 10.35 -20.32
C ALA A 41 16.61 10.60 -20.35
N LYS A 42 17.07 11.61 -19.64
CA LYS A 42 18.50 11.90 -19.59
C LYS A 42 19.22 10.82 -18.79
N ALA A 43 18.59 10.35 -17.73
CA ALA A 43 19.17 9.31 -16.89
C ALA A 43 19.40 8.03 -17.70
N ARG A 44 18.39 7.64 -18.46
CA ARG A 44 18.51 6.43 -19.26
C ARG A 44 19.54 6.62 -20.37
N ALA A 45 19.59 7.82 -20.93
CA ALA A 45 20.54 8.09 -22.00
C ALA A 45 21.95 7.93 -21.46
N ILE A 46 22.13 8.29 -20.18
CA ILE A 46 23.43 8.20 -19.53
C ILE A 46 23.75 6.75 -19.17
N LEU A 47 22.77 6.05 -18.62
CA LEU A 47 22.95 4.66 -18.22
C LEU A 47 23.13 3.66 -19.37
N THR A 48 22.32 3.80 -20.41
CA THR A 48 22.39 2.91 -21.56
C THR A 48 23.52 3.35 -22.47
N GLY A 49 24.29 4.32 -21.99
CA GLY A 49 25.44 4.83 -22.70
C GLY A 49 25.37 5.10 -24.19
N LYS A 50 24.31 5.74 -24.66
CA LYS A 50 24.26 6.06 -26.07
C LYS A 50 25.05 7.36 -26.18
N THR A 51 26.27 7.34 -25.64
CA THR A 51 27.07 8.55 -25.63
C THR A 51 28.52 8.34 -25.25
N THR A 52 29.33 9.34 -25.58
CA THR A 52 30.74 9.36 -25.19
C THR A 52 30.91 10.67 -24.40
N ASP A 53 29.84 11.47 -24.31
CA ASP A 53 29.89 12.75 -23.60
C ASP A 53 29.10 12.75 -22.27
N LYS A 54 28.31 11.69 -22.07
CA LYS A 54 27.49 11.57 -20.86
C LYS A 54 27.88 10.44 -19.91
N SER A 55 28.89 9.65 -20.26
CA SER A 55 29.33 8.54 -19.42
C SER A 55 29.79 9.00 -18.06
N PRO A 56 29.25 8.37 -17.00
CA PRO A 56 29.57 8.69 -15.60
C PRO A 56 30.82 8.00 -15.10
N PHE A 57 31.40 8.57 -14.04
CA PHE A 57 32.57 7.97 -13.43
C PHE A 57 31.98 6.96 -12.46
N VAL A 58 32.49 5.73 -12.49
CA VAL A 58 31.93 4.69 -11.63
C VAL A 58 32.65 4.46 -10.30
N ILE A 59 31.87 4.43 -9.22
CA ILE A 59 32.38 4.20 -7.88
C ILE A 59 31.90 2.83 -7.39
N TYR A 60 32.84 1.95 -7.12
CA TYR A 60 32.52 0.60 -6.67
C TYR A 60 33.44 0.21 -5.53
N ASP A 61 34.21 1.17 -5.04
CA ASP A 61 35.15 0.92 -3.95
C ASP A 61 35.78 2.22 -3.44
N MET A 62 36.54 2.10 -2.35
CA MET A 62 37.16 3.28 -1.74
C MET A 62 38.04 4.09 -2.67
N ASN A 63 38.96 3.41 -3.34
CA ASN A 63 39.85 4.08 -4.27
C ASN A 63 39.05 4.83 -5.32
N SER A 64 38.08 4.16 -5.94
CA SER A 64 37.29 4.87 -6.93
C SER A 64 36.49 5.97 -6.21
N LEU A 65 36.08 5.71 -4.98
CA LEU A 65 35.35 6.74 -4.23
C LEU A 65 36.34 7.88 -4.08
N MET A 66 37.55 7.56 -3.65
CA MET A 66 38.62 8.57 -3.49
C MET A 66 38.77 9.29 -4.81
N MET A 67 38.92 8.53 -5.89
CA MET A 67 39.05 9.10 -7.22
C MET A 67 37.80 9.92 -7.52
N GLY A 68 36.66 9.38 -7.12
CA GLY A 68 35.39 10.05 -7.33
C GLY A 68 35.41 11.52 -6.98
N GLU A 69 35.76 11.85 -5.73
CA GLU A 69 35.82 13.24 -5.29
C GLU A 69 36.75 14.00 -6.24
N ASP A 70 37.80 13.31 -6.66
CA ASP A 70 38.76 13.88 -7.57
C ASP A 70 38.15 14.14 -8.95
N LYS A 71 37.66 13.08 -9.59
CA LYS A 71 37.08 13.13 -10.94
C LYS A 71 35.76 13.91 -11.12
N ILE A 72 34.91 13.94 -10.10
CA ILE A 72 33.61 14.62 -10.18
C ILE A 72 33.38 15.66 -9.07
N LYS A 73 32.20 16.28 -9.11
CA LYS A 73 31.80 17.30 -8.14
C LYS A 73 31.73 16.86 -6.68
N PHE A 74 30.56 17.18 -6.13
CA PHE A 74 30.08 16.93 -4.77
C PHE A 74 30.84 17.25 -3.47
N LYS A 75 31.15 18.52 -3.24
CA LYS A 75 31.78 18.89 -1.97
C LYS A 75 30.75 19.82 -1.33
N HIS A 76 29.88 20.32 -2.20
CA HIS A 76 28.77 21.19 -1.83
C HIS A 76 27.75 20.20 -1.27
N ILE A 77 27.78 18.98 -1.81
CA ILE A 77 26.90 17.92 -1.38
C ILE A 77 26.94 17.82 0.15
N THR A 78 28.04 17.27 0.67
CA THR A 78 28.24 17.13 2.11
C THR A 78 29.04 18.35 2.59
N PRO A 79 28.43 19.20 3.45
CA PRO A 79 29.04 20.42 4.01
C PRO A 79 29.92 20.32 5.28
N LEU A 80 29.30 20.00 6.41
CA LEU A 80 29.98 19.90 7.72
C LEU A 80 31.07 18.85 7.80
N GLN A 81 32.07 18.91 6.92
CA GLN A 81 33.13 17.89 6.96
C GLN A 81 34.46 18.30 6.31
N GLU A 82 35.52 17.60 6.72
CA GLU A 82 36.88 17.75 6.22
C GLU A 82 37.11 16.31 5.82
N GLN A 83 36.25 15.49 6.39
CA GLN A 83 36.21 14.07 6.17
C GLN A 83 35.46 13.52 7.36
N SER A 84 35.74 12.27 7.67
CA SER A 84 35.12 11.57 8.79
C SER A 84 35.48 10.12 8.61
N LYS A 85 36.25 9.59 9.56
CA LYS A 85 36.70 8.21 9.58
C LYS A 85 35.86 7.24 8.77
N GLU A 86 34.61 7.62 8.49
CA GLU A 86 33.75 6.73 7.73
C GLU A 86 33.14 7.21 6.42
N VAL A 87 33.32 6.37 5.42
CA VAL A 87 32.80 6.58 4.09
C VAL A 87 31.29 6.43 4.21
N ALA A 88 30.87 5.39 4.92
CA ALA A 88 29.46 5.09 5.11
C ALA A 88 28.68 6.32 5.55
N ILE A 89 29.27 7.11 6.43
CA ILE A 89 28.59 8.30 6.90
C ILE A 89 28.68 9.42 5.91
N ARG A 90 29.84 9.56 5.29
CA ARG A 90 30.06 10.62 4.32
C ARG A 90 29.03 10.54 3.20
N ILE A 91 28.74 9.31 2.80
CA ILE A 91 27.78 9.05 1.74
C ILE A 91 26.39 9.41 2.22
N PHE A 92 26.13 9.06 3.47
CA PHE A 92 24.85 9.32 4.10
C PHE A 92 24.60 10.80 4.14
N GLN A 93 25.62 11.57 4.48
CA GLN A 93 25.49 13.02 4.53
C GLN A 93 25.07 13.50 3.14
N GLY A 94 25.69 12.93 2.12
CA GLY A 94 25.35 13.34 0.77
C GLY A 94 23.93 13.03 0.40
N CYS A 95 23.54 11.76 0.50
CA CYS A 95 22.18 11.40 0.14
C CYS A 95 21.15 12.17 0.99
N GLN A 96 21.57 12.64 2.17
CA GLN A 96 20.69 13.42 3.05
C GLN A 96 20.45 14.80 2.47
N PHE A 97 21.53 15.53 2.19
CA PHE A 97 21.42 16.87 1.63
C PHE A 97 20.74 16.85 0.28
N ARG A 98 20.92 15.76 -0.46
CA ARG A 98 20.30 15.66 -1.77
C ARG A 98 18.80 15.41 -1.68
N SER A 99 18.37 14.82 -0.56
CA SER A 99 16.95 14.58 -0.36
C SER A 99 16.34 15.93 -0.08
N VAL A 100 17.04 16.71 0.74
CA VAL A 100 16.61 18.04 1.09
C VAL A 100 16.28 18.78 -0.20
N GLU A 101 17.18 18.65 -1.17
CA GLU A 101 17.02 19.29 -2.45
C GLU A 101 15.84 18.76 -3.26
N ALA A 102 15.59 17.45 -3.15
CA ALA A 102 14.46 16.83 -3.85
C ALA A 102 13.15 17.36 -3.29
N VAL A 103 13.04 17.43 -1.97
CA VAL A 103 11.80 17.95 -1.39
C VAL A 103 11.63 19.33 -2.01
N GLN A 104 12.69 20.12 -1.99
CA GLN A 104 12.64 21.45 -2.57
C GLN A 104 12.06 21.43 -3.97
N GLU A 105 12.54 20.52 -4.82
CA GLU A 105 12.06 20.40 -6.19
C GLU A 105 10.61 19.95 -6.22
N ILE A 106 10.34 18.83 -5.56
CA ILE A 106 9.00 18.27 -5.49
C ILE A 106 8.05 19.36 -4.99
N THR A 107 8.50 20.15 -4.01
CA THR A 107 7.66 21.21 -3.48
C THR A 107 7.35 22.25 -4.54
N GLU A 108 8.32 22.55 -5.40
CA GLU A 108 8.07 23.51 -6.46
C GLU A 108 7.10 22.92 -7.49
N TYR A 109 7.17 21.61 -7.68
CA TYR A 109 6.29 20.93 -8.62
C TYR A 109 4.86 20.97 -8.08
N ALA A 110 4.70 20.62 -6.81
CA ALA A 110 3.37 20.62 -6.17
C ALA A 110 2.59 21.90 -6.48
N LYS A 111 3.21 23.04 -6.24
CA LYS A 111 2.59 24.34 -6.48
C LYS A 111 1.98 24.50 -7.87
N SER A 112 2.53 23.81 -8.87
CA SER A 112 2.00 23.91 -10.21
C SER A 112 0.79 23.01 -10.42
N ILE A 113 0.56 22.08 -9.50
CA ILE A 113 -0.61 21.21 -9.67
C ILE A 113 -1.88 22.03 -9.49
N PRO A 114 -2.74 22.06 -10.53
CA PRO A 114 -3.98 22.82 -10.45
C PRO A 114 -4.79 22.54 -9.19
N GLY A 115 -5.00 23.57 -8.40
CA GLY A 115 -5.78 23.42 -7.17
C GLY A 115 -4.97 23.28 -5.90
N PHE A 116 -3.77 22.73 -5.99
CA PHE A 116 -2.95 22.53 -4.79
C PHE A 116 -2.76 23.77 -3.92
N VAL A 117 -2.49 24.94 -4.50
CA VAL A 117 -2.28 26.13 -3.69
C VAL A 117 -3.55 26.74 -3.14
N ASN A 118 -4.68 26.39 -3.75
CA ASN A 118 -5.98 26.90 -3.30
C ASN A 118 -6.49 26.17 -2.06
N LEU A 119 -5.80 25.11 -1.65
CA LEU A 119 -6.19 24.32 -0.48
C LEU A 119 -5.71 25.00 0.80
N ASP A 120 -6.29 24.57 1.92
CA ASP A 120 -5.93 25.08 3.24
C ASP A 120 -4.43 24.92 3.40
N LEU A 121 -3.78 25.93 3.96
CA LEU A 121 -2.35 25.88 4.13
C LEU A 121 -1.87 24.70 4.97
N ASN A 122 -2.65 24.33 5.96
CA ASN A 122 -2.27 23.20 6.81
C ASN A 122 -2.34 21.87 6.07
N ASP A 123 -3.24 21.77 5.10
CA ASP A 123 -3.38 20.55 4.34
C ASP A 123 -2.29 20.49 3.27
N GLN A 124 -1.96 21.64 2.69
CA GLN A 124 -0.90 21.67 1.69
C GLN A 124 0.34 21.08 2.32
N VAL A 125 0.65 21.56 3.52
CA VAL A 125 1.83 21.08 4.24
C VAL A 125 1.77 19.58 4.56
N THR A 126 0.62 19.07 4.98
CA THR A 126 0.54 17.66 5.31
C THR A 126 0.65 16.77 4.07
N LEU A 127 0.12 17.24 2.95
CA LEU A 127 0.21 16.48 1.71
C LEU A 127 1.69 16.30 1.35
N LEU A 128 2.45 17.38 1.49
CA LEU A 128 3.87 17.36 1.19
C LEU A 128 4.61 16.52 2.20
N LYS A 129 4.21 16.65 3.46
CA LYS A 129 4.84 15.90 4.54
C LYS A 129 4.87 14.40 4.26
N TYR A 130 3.76 13.85 3.79
CA TYR A 130 3.69 12.41 3.53
C TYR A 130 4.00 12.04 2.10
N GLY A 131 3.67 12.91 1.17
CA GLY A 131 3.91 12.59 -0.22
C GLY A 131 5.36 12.69 -0.68
N VAL A 132 6.16 13.51 0.00
CA VAL A 132 7.54 13.74 -0.41
C VAL A 132 8.41 12.51 -0.61
N HIS A 133 8.44 11.62 0.37
CA HIS A 133 9.27 10.43 0.23
C HIS A 133 8.71 9.42 -0.76
N GLU A 134 7.40 9.25 -0.82
CA GLU A 134 6.82 8.32 -1.78
C GLU A 134 7.23 8.78 -3.19
N ILE A 135 7.32 10.10 -3.36
CA ILE A 135 7.71 10.69 -4.64
C ILE A 135 9.22 10.50 -4.89
N ILE A 136 10.01 10.72 -3.85
CA ILE A 136 11.45 10.59 -3.97
C ILE A 136 11.91 9.20 -4.41
N TYR A 137 11.26 8.17 -3.91
CA TYR A 137 11.65 6.81 -4.29
C TYR A 137 11.14 6.43 -5.68
N THR A 138 10.08 7.08 -6.14
CA THR A 138 9.54 6.82 -7.46
C THR A 138 10.52 7.33 -8.48
N MET A 139 11.00 8.55 -8.27
CA MET A 139 11.92 9.18 -9.17
C MET A 139 13.33 8.62 -9.04
N LEU A 140 13.70 8.22 -7.83
CA LEU A 140 15.00 7.63 -7.61
C LEU A 140 15.15 6.39 -8.48
N ALA A 141 14.03 5.75 -8.79
CA ALA A 141 14.06 4.56 -9.63
C ALA A 141 14.57 4.94 -11.02
N SER A 142 14.21 6.13 -11.49
CA SER A 142 14.65 6.59 -12.80
C SER A 142 16.17 6.63 -12.92
N LEU A 143 16.85 6.80 -11.79
CA LEU A 143 18.31 6.88 -11.79
C LEU A 143 18.98 5.55 -11.45
N MET A 144 18.20 4.47 -11.45
CA MET A 144 18.75 3.15 -11.12
C MET A 144 18.58 2.09 -12.21
N ASN A 145 19.37 1.03 -12.08
CA ASN A 145 19.28 -0.15 -12.91
C ASN A 145 19.70 -1.18 -11.89
N LYS A 146 19.54 -2.47 -12.20
CA LYS A 146 19.88 -3.50 -11.23
C LYS A 146 21.29 -3.42 -10.63
N ASP A 147 22.19 -2.64 -11.21
CA ASP A 147 23.57 -2.57 -10.68
C ASP A 147 23.99 -1.31 -9.97
N GLY A 148 23.16 -0.28 -9.95
CA GLY A 148 23.59 0.93 -9.28
C GLY A 148 22.73 2.13 -9.51
N VAL A 149 23.16 3.26 -8.99
CA VAL A 149 22.42 4.49 -9.10
C VAL A 149 23.29 5.67 -9.50
N LEU A 150 22.73 6.53 -10.35
CA LEU A 150 23.40 7.72 -10.82
C LEU A 150 23.51 8.67 -9.66
N ILE A 151 24.61 9.41 -9.62
CA ILE A 151 24.83 10.37 -8.57
C ILE A 151 25.37 11.67 -9.13
N SER A 152 25.37 12.70 -8.28
CA SER A 152 25.86 14.02 -8.66
C SER A 152 25.38 14.45 -10.04
N GLU A 153 24.07 14.63 -10.19
CA GLU A 153 23.45 15.06 -11.45
C GLU A 153 23.79 14.22 -12.68
N GLY A 154 24.12 12.94 -12.47
CA GLY A 154 24.46 12.09 -13.60
C GLY A 154 25.92 11.89 -13.89
N GLN A 155 26.79 12.68 -13.27
CA GLN A 155 28.23 12.58 -13.47
C GLN A 155 28.82 11.29 -12.88
N GLY A 156 28.16 10.75 -11.88
CA GLY A 156 28.66 9.54 -11.27
C GLY A 156 27.68 8.39 -11.26
N PHE A 157 28.17 7.21 -10.90
CA PHE A 157 27.35 6.03 -10.82
C PHE A 157 27.95 5.19 -9.71
N MET A 158 27.22 5.07 -8.61
CA MET A 158 27.69 4.29 -7.47
C MET A 158 27.04 2.91 -7.59
N THR A 159 27.85 1.86 -7.57
CA THR A 159 27.35 0.50 -7.71
C THR A 159 26.52 0.00 -6.54
N ARG A 160 25.58 -0.88 -6.86
CA ARG A 160 24.70 -1.47 -5.87
C ARG A 160 25.49 -2.32 -4.86
N GLU A 161 26.57 -2.96 -5.31
CA GLU A 161 27.40 -3.78 -4.45
C GLU A 161 28.28 -2.99 -3.48
N PHE A 162 28.62 -1.76 -3.84
CA PHE A 162 29.44 -0.93 -2.98
C PHE A 162 28.57 -0.47 -1.81
N LEU A 163 27.38 -0.02 -2.16
CA LEU A 163 26.41 0.45 -1.19
C LEU A 163 25.99 -0.64 -0.20
N LYS A 164 25.79 -1.86 -0.70
CA LYS A 164 25.34 -2.97 0.14
C LYS A 164 26.39 -3.45 1.12
N SER A 165 27.63 -3.02 0.90
CA SER A 165 28.70 -3.38 1.81
C SER A 165 28.88 -2.26 2.84
N LEU A 166 29.03 -1.03 2.35
CA LEU A 166 29.19 0.13 3.22
C LEU A 166 29.47 -0.23 4.68
N ARG A 167 28.48 -0.71 5.41
CA ARG A 167 28.74 -1.09 6.80
C ARG A 167 27.80 -2.14 7.33
N LYS A 168 27.14 -1.83 8.44
CA LYS A 168 26.17 -2.75 9.06
C LYS A 168 24.86 -2.00 9.17
N PRO A 169 24.91 -0.72 9.59
CA PRO A 169 23.68 0.05 9.71
C PRO A 169 23.34 0.70 8.37
N PHE A 170 24.36 1.12 7.62
CA PHE A 170 24.14 1.80 6.34
C PHE A 170 24.05 0.92 5.08
N GLY A 171 24.60 -0.30 5.13
CA GLY A 171 24.53 -1.15 3.96
C GLY A 171 23.16 -1.76 3.82
N ASP A 172 22.17 -1.14 4.45
CA ASP A 172 20.80 -1.64 4.40
C ASP A 172 19.79 -0.58 4.01
N PHE A 173 20.25 0.63 3.73
CA PHE A 173 19.32 1.68 3.36
C PHE A 173 18.87 1.62 1.90
N MET A 174 19.80 1.30 1.01
CA MET A 174 19.49 1.29 -0.42
C MET A 174 18.94 0.01 -1.06
N GLU A 175 19.31 -1.15 -0.54
CA GLU A 175 18.80 -2.38 -1.15
C GLU A 175 17.29 -2.38 -1.44
N PRO A 176 16.46 -1.93 -0.50
CA PRO A 176 15.00 -1.91 -0.74
C PRO A 176 14.62 -0.97 -1.89
N LYS A 177 15.42 0.06 -2.10
CA LYS A 177 15.18 1.02 -3.17
C LYS A 177 15.47 0.32 -4.51
N PHE A 178 16.56 -0.44 -4.57
CA PHE A 178 16.90 -1.15 -5.79
C PHE A 178 15.84 -2.22 -6.05
N GLU A 179 15.38 -2.86 -4.97
CA GLU A 179 14.34 -3.90 -5.04
C GLU A 179 13.11 -3.37 -5.73
N PHE A 180 12.68 -2.20 -5.30
CA PHE A 180 11.50 -1.57 -5.88
C PHE A 180 11.81 -1.06 -7.29
N ALA A 181 12.98 -0.46 -7.44
CA ALA A 181 13.39 0.11 -8.72
C ALA A 181 13.38 -0.86 -9.88
N VAL A 182 14.02 -2.01 -9.68
CA VAL A 182 14.08 -3.01 -10.73
C VAL A 182 12.67 -3.40 -11.17
N LYS A 183 11.76 -3.48 -10.22
CA LYS A 183 10.38 -3.84 -10.50
C LYS A 183 9.58 -2.68 -11.07
N PHE A 184 9.70 -1.50 -10.47
CA PHE A 184 8.98 -0.35 -10.96
C PHE A 184 9.46 -0.03 -12.37
N ASN A 185 10.75 -0.13 -12.62
CA ASN A 185 11.25 0.17 -13.95
C ASN A 185 10.68 -0.78 -14.99
N ALA A 186 10.31 -1.96 -14.52
CA ALA A 186 9.72 -2.97 -15.38
C ALA A 186 8.48 -2.40 -16.08
N LEU A 187 7.81 -1.44 -15.45
CA LEU A 187 6.62 -0.84 -16.05
C LEU A 187 6.96 0.01 -17.27
N GLU A 188 8.25 0.32 -17.43
CA GLU A 188 8.75 1.12 -18.53
C GLU A 188 7.97 2.44 -18.71
N LEU A 189 7.86 3.20 -17.63
CA LEU A 189 7.16 4.47 -17.70
C LEU A 189 8.15 5.55 -18.13
N ASP A 190 7.65 6.58 -18.79
CA ASP A 190 8.52 7.69 -19.19
C ASP A 190 8.07 8.93 -18.42
N ASP A 191 8.86 9.99 -18.54
CA ASP A 191 8.60 11.25 -17.85
C ASP A 191 7.17 11.81 -17.86
N SER A 192 6.50 11.77 -19.01
CA SER A 192 5.13 12.26 -19.13
C SER A 192 4.15 11.46 -18.28
N ASP A 193 4.48 10.19 -18.02
CA ASP A 193 3.64 9.35 -17.19
C ASP A 193 3.87 9.70 -15.72
N LEU A 194 5.14 9.62 -15.30
CA LEU A 194 5.55 9.90 -13.94
C LEU A 194 5.06 11.24 -13.44
N ALA A 195 5.02 12.23 -14.32
CA ALA A 195 4.56 13.55 -13.92
C ALA A 195 3.13 13.49 -13.37
N ILE A 196 2.25 12.74 -14.03
CA ILE A 196 0.89 12.67 -13.54
C ILE A 196 0.80 11.76 -12.31
N PHE A 197 1.55 10.67 -12.34
CA PHE A 197 1.56 9.73 -11.22
C PHE A 197 2.01 10.45 -9.95
N ILE A 198 3.07 11.25 -10.08
CA ILE A 198 3.61 12.00 -8.96
C ILE A 198 2.55 12.95 -8.41
N ALA A 199 1.71 13.48 -9.29
CA ALA A 199 0.64 14.40 -8.91
C ALA A 199 -0.44 13.70 -8.07
N VAL A 200 -0.87 12.52 -8.53
CA VAL A 200 -1.88 11.73 -7.81
C VAL A 200 -1.38 11.49 -6.39
N ILE A 201 -0.13 11.02 -6.30
CA ILE A 201 0.51 10.71 -5.04
C ILE A 201 0.39 11.85 -4.03
N ILE A 202 0.77 13.06 -4.42
CA ILE A 202 0.67 14.20 -3.53
C ILE A 202 -0.77 14.46 -3.15
N LEU A 203 -1.67 14.41 -4.12
CA LEU A 203 -3.07 14.69 -3.87
C LEU A 203 -3.87 13.49 -3.34
N SER A 204 -3.41 12.91 -2.23
CA SER A 204 -4.08 11.76 -1.63
C SER A 204 -5.46 12.04 -1.05
N GLY A 205 -5.49 12.52 0.19
CA GLY A 205 -6.78 12.80 0.80
C GLY A 205 -7.00 11.87 1.97
N ASP A 206 -6.18 10.82 2.02
CA ASP A 206 -6.25 9.84 3.09
C ASP A 206 -4.97 10.01 3.91
N ARG A 207 -4.35 11.18 3.78
CA ARG A 207 -3.13 11.46 4.52
C ARG A 207 -3.49 11.80 5.94
N PRO A 208 -2.79 11.19 6.90
CA PRO A 208 -3.06 11.44 8.31
C PRO A 208 -3.20 12.92 8.64
N GLY A 209 -4.38 13.30 9.14
CA GLY A 209 -4.60 14.68 9.56
C GLY A 209 -5.19 15.73 8.66
N LEU A 210 -5.58 15.38 7.44
CA LEU A 210 -6.14 16.38 6.56
C LEU A 210 -7.39 16.99 7.13
N LEU A 211 -7.45 18.32 7.14
CA LEU A 211 -8.62 19.00 7.65
C LEU A 211 -9.78 18.90 6.65
N ASN A 212 -9.50 19.15 5.38
CA ASN A 212 -10.55 19.08 4.40
C ASN A 212 -10.21 18.11 3.28
N VAL A 213 -10.75 16.89 3.38
CA VAL A 213 -10.50 15.85 2.42
C VAL A 213 -11.18 15.97 1.04
N LYS A 214 -12.47 16.28 1.04
CA LYS A 214 -13.26 16.39 -0.21
C LYS A 214 -12.56 17.10 -1.38
N PRO A 215 -12.20 18.38 -1.22
CA PRO A 215 -11.53 19.12 -2.28
C PRO A 215 -10.27 18.41 -2.81
N ILE A 216 -9.48 17.81 -1.92
CA ILE A 216 -8.30 17.06 -2.34
C ILE A 216 -8.69 15.87 -3.23
N GLU A 217 -9.74 15.16 -2.83
CA GLU A 217 -10.22 13.98 -3.55
C GLU A 217 -10.70 14.32 -4.97
N ASP A 218 -11.33 15.48 -5.12
CA ASP A 218 -11.84 15.94 -6.41
C ASP A 218 -10.69 16.26 -7.34
N ILE A 219 -9.61 16.79 -6.78
CA ILE A 219 -8.46 17.10 -7.58
C ILE A 219 -7.84 15.78 -8.02
N GLN A 220 -7.70 14.85 -7.07
CA GLN A 220 -7.12 13.56 -7.41
C GLN A 220 -7.95 12.79 -8.42
N ASP A 221 -9.27 12.83 -8.27
CA ASP A 221 -10.16 12.14 -9.19
C ASP A 221 -9.75 12.55 -10.59
N ASN A 222 -9.72 13.86 -10.81
CA ASN A 222 -9.35 14.43 -12.10
C ASN A 222 -7.93 13.97 -12.53
N LEU A 223 -6.97 14.07 -11.62
CA LEU A 223 -5.63 13.63 -11.94
C LEU A 223 -5.62 12.12 -12.27
N LEU A 224 -6.43 11.35 -11.56
CA LEU A 224 -6.48 9.92 -11.84
C LEU A 224 -7.04 9.69 -13.21
N GLN A 225 -7.98 10.54 -13.61
CA GLN A 225 -8.61 10.45 -14.90
C GLN A 225 -7.59 10.82 -16.00
N ALA A 226 -6.71 11.77 -15.70
CA ALA A 226 -5.70 12.19 -16.65
C ALA A 226 -4.66 11.09 -16.83
N LEU A 227 -4.29 10.45 -15.74
CA LEU A 227 -3.31 9.35 -15.79
C LEU A 227 -3.87 8.18 -16.60
N GLU A 228 -5.11 7.79 -16.30
CA GLU A 228 -5.76 6.67 -16.99
C GLU A 228 -5.69 6.89 -18.50
N LEU A 229 -6.12 8.05 -18.96
CA LEU A 229 -6.09 8.37 -20.38
C LEU A 229 -4.67 8.36 -20.93
N GLN A 230 -3.76 8.98 -20.20
CA GLN A 230 -2.34 9.05 -20.58
C GLN A 230 -1.71 7.68 -20.70
N LEU A 231 -1.98 6.80 -19.75
CA LEU A 231 -1.39 5.48 -19.78
C LEU A 231 -1.87 4.62 -20.93
N LYS A 232 -3.13 4.77 -21.27
CA LYS A 232 -3.66 3.97 -22.36
C LYS A 232 -3.31 4.56 -23.71
N LEU A 233 -3.04 5.86 -23.75
CA LEU A 233 -2.66 6.52 -24.99
C LEU A 233 -1.19 6.30 -25.27
N ASN A 234 -0.40 6.19 -24.21
CA ASN A 234 1.06 6.02 -24.32
C ASN A 234 1.51 4.57 -24.25
N HIS A 235 0.63 3.67 -23.80
CA HIS A 235 0.96 2.26 -23.73
C HIS A 235 -0.26 1.43 -24.12
N PRO A 236 -0.69 1.54 -25.38
CA PRO A 236 -1.85 0.84 -25.93
C PRO A 236 -1.82 -0.66 -25.74
N GLU A 237 -0.62 -1.22 -25.80
CA GLU A 237 -0.43 -2.66 -25.68
C GLU A 237 -0.18 -3.08 -24.25
N SER A 238 -0.22 -2.13 -23.32
CA SER A 238 0.03 -2.47 -21.95
C SER A 238 -1.28 -2.58 -21.20
N SER A 239 -1.72 -3.83 -21.03
CA SER A 239 -2.98 -4.11 -20.36
C SER A 239 -2.95 -3.84 -18.85
N GLN A 240 -3.94 -3.10 -18.36
CA GLN A 240 -4.05 -2.77 -16.94
C GLN A 240 -2.84 -2.07 -16.31
N LEU A 241 -2.05 -1.38 -17.13
CA LEU A 241 -0.88 -0.68 -16.61
C LEU A 241 -1.34 0.26 -15.51
N PHE A 242 -2.48 0.89 -15.73
CA PHE A 242 -3.05 1.81 -14.77
C PHE A 242 -3.19 1.14 -13.40
N ALA A 243 -3.92 0.03 -13.36
CA ALA A 243 -4.12 -0.71 -12.12
C ALA A 243 -2.78 -1.18 -11.57
N LYS A 244 -1.91 -1.66 -12.46
CA LYS A 244 -0.61 -2.16 -12.04
C LYS A 244 0.26 -1.06 -11.45
N LEU A 245 0.15 0.16 -11.99
CA LEU A 245 0.92 1.30 -11.47
C LEU A 245 0.40 1.70 -10.08
N LEU A 246 -0.92 1.76 -9.92
CA LEU A 246 -1.53 2.13 -8.63
C LEU A 246 -1.13 1.20 -7.49
N GLN A 247 -1.11 -0.11 -7.77
CA GLN A 247 -0.72 -1.10 -6.78
C GLN A 247 0.67 -0.82 -6.28
N LYS A 248 1.51 -0.23 -7.12
CA LYS A 248 2.88 0.07 -6.75
C LYS A 248 2.95 1.01 -5.56
N MET A 249 1.90 1.79 -5.35
CA MET A 249 1.88 2.71 -4.23
C MET A 249 2.04 2.00 -2.89
N THR A 250 1.69 0.71 -2.83
CA THR A 250 1.82 0.00 -1.56
C THR A 250 3.29 -0.35 -1.32
N ASP A 251 4.04 -0.52 -2.41
CA ASP A 251 5.46 -0.82 -2.29
C ASP A 251 6.19 0.44 -1.80
N LEU A 252 5.64 1.60 -2.11
CA LEU A 252 6.26 2.85 -1.67
C LEU A 252 6.12 3.02 -0.16
N ARG A 253 4.96 2.67 0.40
CA ARG A 253 4.76 2.80 1.83
C ARG A 253 5.75 1.96 2.64
N GLN A 254 5.95 0.70 2.27
CA GLN A 254 6.87 -0.16 2.98
C GLN A 254 8.29 0.36 2.85
N ILE A 255 8.61 0.99 1.72
CA ILE A 255 9.95 1.52 1.57
C ILE A 255 10.10 2.55 2.66
N VAL A 256 9.12 3.44 2.72
CA VAL A 256 9.06 4.52 3.70
C VAL A 256 9.19 4.03 5.16
N THR A 257 8.26 3.20 5.60
CA THR A 257 8.32 2.72 6.97
C THR A 257 9.59 1.93 7.26
N GLU A 258 10.02 1.13 6.29
CA GLU A 258 11.23 0.34 6.47
C GLU A 258 12.42 1.25 6.59
N HIS A 259 12.28 2.45 6.03
CA HIS A 259 13.33 3.46 6.04
C HIS A 259 13.36 4.15 7.40
N VAL A 260 12.19 4.57 7.85
CA VAL A 260 12.08 5.23 9.13
C VAL A 260 12.66 4.35 10.23
N GLN A 261 12.31 3.07 10.22
CA GLN A 261 12.82 2.13 11.22
C GLN A 261 14.35 2.17 11.18
N LEU A 262 14.88 2.34 9.97
CA LEU A 262 16.32 2.40 9.77
C LEU A 262 16.85 3.69 10.35
N LEU A 263 16.19 4.78 10.03
CA LEU A 263 16.63 6.07 10.55
C LEU A 263 16.70 6.00 12.07
N GLN A 264 15.59 5.66 12.72
CA GLN A 264 15.58 5.57 14.18
C GLN A 264 16.81 4.83 14.72
N VAL A 265 17.23 3.76 14.05
CA VAL A 265 18.42 3.03 14.50
C VAL A 265 19.65 3.96 14.42
N ILE A 266 19.75 4.70 13.33
CA ILE A 266 20.86 5.64 13.12
C ILE A 266 20.96 6.67 14.27
N LYS A 267 19.81 7.24 14.62
CA LYS A 267 19.72 8.22 15.69
C LYS A 267 20.33 7.74 17.01
N LYS A 268 20.54 6.43 17.16
CA LYS A 268 21.10 5.90 18.40
C LYS A 268 22.54 5.43 18.26
N THR A 269 22.84 4.78 17.14
CA THR A 269 24.20 4.31 16.91
C THR A 269 25.12 5.46 16.53
N GLU A 270 24.56 6.55 16.01
CA GLU A 270 25.40 7.67 15.62
C GLU A 270 24.95 8.98 16.27
N THR A 271 25.26 9.17 17.56
CA THR A 271 24.85 10.39 18.25
C THR A 271 25.60 11.65 17.80
N ASP A 272 26.58 11.46 16.93
CA ASP A 272 27.38 12.56 16.42
C ASP A 272 26.90 13.03 15.05
N MET A 273 26.02 12.26 14.42
CA MET A 273 25.56 12.65 13.11
C MET A 273 24.33 13.52 13.12
N SER A 274 24.48 14.67 12.47
CA SER A 274 23.41 15.63 12.36
C SER A 274 22.60 15.18 11.17
N LEU A 275 21.31 15.50 11.18
CA LEU A 275 20.43 15.13 10.09
C LEU A 275 20.09 16.36 9.25
N HIS A 276 18.91 16.91 9.45
CA HIS A 276 18.50 18.10 8.72
C HIS A 276 17.08 18.38 9.17
N PRO A 277 16.85 19.59 9.73
CA PRO A 277 15.53 20.00 10.23
C PRO A 277 14.39 19.64 9.27
N LEU A 278 14.50 20.07 8.02
CA LEU A 278 13.46 19.80 7.03
C LEU A 278 13.07 18.32 7.02
N LEU A 279 14.08 17.46 6.90
CA LEU A 279 13.87 16.01 6.89
C LEU A 279 13.32 15.54 8.24
N GLN A 280 13.72 16.25 9.29
CA GLN A 280 13.25 15.93 10.62
C GLN A 280 11.77 16.35 10.79
N GLU A 281 11.42 17.52 10.30
CA GLU A 281 10.04 17.97 10.43
C GLU A 281 9.16 17.03 9.61
N ILE A 282 9.73 16.52 8.52
CA ILE A 282 9.00 15.59 7.67
C ILE A 282 8.71 14.30 8.43
N TYR A 283 9.72 13.76 9.10
CA TYR A 283 9.59 12.51 9.85
C TYR A 283 8.85 12.64 11.17
N LYS A 284 8.99 13.78 11.82
CA LYS A 284 8.34 14.01 13.09
C LYS A 284 6.90 13.46 13.10
N ASP A 285 6.68 12.45 13.92
CA ASP A 285 5.34 11.85 14.05
C ASP A 285 4.75 11.39 12.73
N LEU A 286 5.57 10.77 11.89
CA LEU A 286 5.11 10.25 10.59
C LEU A 286 4.61 8.81 10.78
N GLU B 17 -15.17 -9.17 -25.76
CA GLU B 17 -14.74 -9.63 -24.41
C GLU B 17 -15.61 -9.05 -23.29
N SER B 18 -16.34 -7.99 -23.60
CA SER B 18 -17.20 -7.36 -22.62
C SER B 18 -18.24 -8.33 -22.09
N ALA B 19 -18.48 -9.42 -22.81
CA ALA B 19 -19.46 -10.41 -22.35
C ALA B 19 -18.70 -11.36 -21.45
N ASP B 20 -17.53 -11.74 -21.92
CA ASP B 20 -16.65 -12.64 -21.21
C ASP B 20 -16.39 -12.11 -19.79
N LEU B 21 -16.25 -10.79 -19.68
CA LEU B 21 -16.00 -10.14 -18.40
C LEU B 21 -17.22 -10.21 -17.48
N ARG B 22 -18.40 -9.96 -18.03
CA ARG B 22 -19.61 -10.01 -17.23
C ARG B 22 -19.89 -11.43 -16.77
N ALA B 23 -19.39 -12.41 -17.51
CA ALA B 23 -19.59 -13.81 -17.15
C ALA B 23 -18.67 -14.14 -15.99
N LEU B 24 -17.43 -13.66 -16.07
CA LEU B 24 -16.45 -13.88 -15.02
C LEU B 24 -17.00 -13.29 -13.73
N ALA B 25 -17.60 -12.11 -13.84
CA ALA B 25 -18.16 -11.41 -12.70
C ALA B 25 -19.29 -12.22 -12.06
N LYS B 26 -20.31 -12.55 -12.86
CA LYS B 26 -21.44 -13.32 -12.39
C LYS B 26 -20.99 -14.62 -11.75
N HIS B 27 -20.06 -15.32 -12.41
CA HIS B 27 -19.54 -16.58 -11.90
C HIS B 27 -18.84 -16.42 -10.55
N LEU B 28 -18.14 -15.31 -10.39
CA LEU B 28 -17.42 -15.04 -9.15
C LEU B 28 -18.46 -14.73 -8.08
N TYR B 29 -19.42 -13.88 -8.43
CA TYR B 29 -20.48 -13.50 -7.52
C TYR B 29 -21.26 -14.73 -7.08
N ASP B 30 -21.76 -15.51 -8.05
CA ASP B 30 -22.50 -16.72 -7.76
C ASP B 30 -21.68 -17.63 -6.87
N SER B 31 -20.39 -17.70 -7.15
CA SER B 31 -19.46 -18.53 -6.39
C SER B 31 -19.22 -17.98 -4.99
N TYR B 32 -19.16 -16.66 -4.89
CA TYR B 32 -18.94 -15.98 -3.64
C TYR B 32 -20.12 -16.18 -2.67
N ILE B 33 -21.35 -16.15 -3.20
CA ILE B 33 -22.53 -16.35 -2.35
C ILE B 33 -22.52 -17.77 -1.81
N LYS B 34 -22.03 -18.69 -2.63
CA LYS B 34 -21.96 -20.10 -2.27
C LYS B 34 -21.01 -20.33 -1.09
N SER B 35 -19.81 -19.75 -1.20
CA SER B 35 -18.76 -19.88 -0.19
C SER B 35 -18.89 -19.05 1.08
N PHE B 36 -19.69 -17.99 1.05
CA PHE B 36 -19.82 -17.13 2.21
C PHE B 36 -21.25 -16.97 2.73
N PRO B 37 -21.54 -17.56 3.88
CA PRO B 37 -22.89 -17.46 4.46
C PRO B 37 -23.34 -16.02 4.71
N LEU B 38 -22.61 -15.29 5.54
CA LEU B 38 -22.98 -13.91 5.84
C LEU B 38 -22.47 -12.92 4.80
N THR B 39 -23.38 -12.48 3.94
CA THR B 39 -23.08 -11.55 2.86
C THR B 39 -23.12 -10.10 3.31
N LYS B 40 -22.55 -9.21 2.50
CA LYS B 40 -22.53 -7.78 2.81
C LYS B 40 -23.98 -7.31 2.95
N ALA B 41 -24.87 -7.80 2.08
CA ALA B 41 -26.27 -7.41 2.14
C ALA B 41 -26.89 -7.93 3.44
N LYS B 42 -26.78 -9.23 3.69
CA LYS B 42 -27.32 -9.78 4.93
C LYS B 42 -26.73 -9.02 6.12
N ALA B 43 -25.46 -8.64 6.01
CA ALA B 43 -24.79 -7.95 7.11
C ALA B 43 -25.31 -6.52 7.24
N ARG B 44 -25.63 -5.92 6.10
CA ARG B 44 -26.14 -4.56 6.07
C ARG B 44 -27.57 -4.54 6.57
N ALA B 45 -28.41 -5.39 6.00
CA ALA B 45 -29.80 -5.45 6.42
C ALA B 45 -29.84 -5.54 7.95
N ILE B 46 -29.02 -6.41 8.52
CA ILE B 46 -28.96 -6.57 9.97
C ILE B 46 -28.49 -5.29 10.66
N LEU B 47 -27.31 -4.81 10.29
CA LEU B 47 -26.77 -3.60 10.91
C LEU B 47 -27.74 -2.42 10.93
N THR B 48 -28.59 -2.34 9.90
CA THR B 48 -29.55 -1.26 9.76
C THR B 48 -30.89 -1.54 10.44
N GLY B 49 -31.43 -2.72 10.21
CA GLY B 49 -32.69 -3.11 10.82
C GLY B 49 -33.65 -3.87 9.93
N LYS B 50 -33.67 -3.48 8.65
CA LYS B 50 -34.56 -4.07 7.66
C LYS B 50 -34.66 -5.60 7.55
N THR B 51 -35.83 -6.01 7.05
CA THR B 51 -36.22 -7.41 6.78
C THR B 51 -35.81 -8.56 7.70
N THR B 52 -34.75 -8.39 8.50
CA THR B 52 -34.28 -9.47 9.38
C THR B 52 -35.33 -9.86 10.43
N ASP B 53 -35.93 -8.84 11.04
CA ASP B 53 -36.95 -8.98 12.10
C ASP B 53 -36.48 -9.47 13.49
N LYS B 54 -35.37 -10.21 13.53
CA LYS B 54 -34.84 -10.74 14.79
C LYS B 54 -33.50 -10.16 15.22
N SER B 55 -33.53 -8.95 15.79
CA SER B 55 -32.32 -8.23 16.22
C SER B 55 -31.27 -8.97 17.07
N PRO B 56 -29.98 -8.70 16.81
CA PRO B 56 -28.78 -9.26 17.46
C PRO B 56 -28.60 -8.95 18.95
N PHE B 57 -27.98 -9.86 19.66
CA PHE B 57 -27.72 -9.65 21.07
C PHE B 57 -26.55 -8.69 21.13
N VAL B 58 -26.70 -7.60 21.86
CA VAL B 58 -25.62 -6.64 21.94
C VAL B 58 -24.64 -6.90 23.07
N ILE B 59 -23.36 -6.90 22.74
CA ILE B 59 -22.35 -7.08 23.76
C ILE B 59 -21.72 -5.69 23.87
N TYR B 60 -22.07 -5.00 24.96
CA TYR B 60 -21.57 -3.65 25.17
C TYR B 60 -20.81 -3.54 26.47
N ASP B 61 -20.76 -4.65 27.20
CA ASP B 61 -20.04 -4.71 28.48
C ASP B 61 -19.91 -6.14 29.01
N MET B 62 -19.24 -6.26 30.15
CA MET B 62 -19.01 -7.55 30.79
C MET B 62 -20.25 -8.44 30.92
N ASN B 63 -21.31 -7.95 31.57
CA ASN B 63 -22.52 -8.76 31.72
C ASN B 63 -23.09 -9.16 30.36
N SER B 64 -22.88 -8.27 29.38
CA SER B 64 -23.35 -8.50 28.02
C SER B 64 -22.62 -9.71 27.48
N LEU B 65 -21.31 -9.71 27.63
CA LEU B 65 -20.52 -10.83 27.13
C LEU B 65 -20.94 -12.10 27.87
N MET B 66 -20.70 -12.10 29.18
CA MET B 66 -21.04 -13.24 30.03
C MET B 66 -22.44 -13.75 29.72
N MET B 67 -23.36 -12.85 29.41
CA MET B 67 -24.71 -13.28 29.08
C MET B 67 -24.72 -13.80 27.66
N GLY B 68 -23.93 -13.16 26.80
CA GLY B 68 -23.85 -13.57 25.40
C GLY B 68 -23.40 -15.00 25.23
N GLU B 69 -22.35 -15.37 25.96
CA GLU B 69 -21.83 -16.73 25.88
C GLU B 69 -22.98 -17.74 25.96
N ASP B 70 -24.02 -17.41 26.73
CA ASP B 70 -25.21 -18.26 26.87
C ASP B 70 -26.41 -17.51 26.27
N LYS B 71 -26.55 -17.67 24.95
CA LYS B 71 -27.59 -17.04 24.15
C LYS B 71 -27.12 -17.43 22.76
N ILE B 72 -26.26 -16.59 22.20
CA ILE B 72 -25.65 -16.86 20.92
C ILE B 72 -24.90 -18.15 21.24
N LYS B 73 -24.76 -18.39 22.55
CA LYS B 73 -24.08 -19.58 23.04
C LYS B 73 -22.99 -19.89 22.02
N PHE B 74 -22.37 -18.83 21.51
CA PHE B 74 -21.30 -18.95 20.53
C PHE B 74 -20.13 -19.70 21.15
N LYS B 75 -20.47 -20.58 22.08
CA LYS B 75 -19.51 -21.42 22.79
C LYS B 75 -18.96 -22.53 21.88
N HIS B 76 -17.89 -22.20 21.18
CA HIS B 76 -17.15 -23.13 20.32
C HIS B 76 -15.75 -22.88 20.88
N ILE B 77 -15.28 -21.69 20.51
CA ILE B 77 -14.00 -21.15 20.91
C ILE B 77 -13.74 -21.39 22.38
N THR B 78 -14.78 -21.15 23.18
CA THR B 78 -14.66 -21.28 24.62
C THR B 78 -14.79 -22.67 25.23
N PRO B 79 -15.93 -23.36 24.99
CA PRO B 79 -16.19 -24.70 25.53
C PRO B 79 -15.04 -25.32 26.31
N LEU B 80 -13.83 -25.25 25.74
CA LEU B 80 -12.67 -25.80 26.40
C LEU B 80 -12.38 -25.13 27.73
N GLN B 81 -12.02 -25.93 28.72
CA GLN B 81 -11.68 -25.41 30.03
C GLN B 81 -10.39 -24.58 29.84
N GLU B 82 -9.49 -24.63 30.82
CA GLU B 82 -8.21 -23.92 30.80
C GLU B 82 -8.22 -22.62 29.97
N GLN B 83 -9.18 -21.73 30.25
CA GLN B 83 -9.28 -20.45 29.54
C GLN B 83 -10.56 -19.69 29.91
N SER B 84 -11.65 -20.43 30.11
CA SER B 84 -12.95 -19.84 30.43
C SER B 84 -12.85 -19.12 31.78
N LYS B 85 -11.95 -18.12 31.84
CA LYS B 85 -11.71 -17.33 33.06
C LYS B 85 -10.68 -16.21 32.86
N GLU B 86 -10.94 -15.29 31.93
CA GLU B 86 -10.02 -14.17 31.64
C GLU B 86 -10.50 -13.21 30.53
N VAL B 87 -11.80 -13.21 30.28
CA VAL B 87 -12.48 -12.38 29.28
C VAL B 87 -11.72 -11.78 28.09
N ALA B 88 -10.76 -10.91 28.35
CA ALA B 88 -10.02 -10.27 27.25
C ALA B 88 -9.28 -11.29 26.38
N ILE B 89 -8.88 -12.40 26.98
CA ILE B 89 -8.14 -13.41 26.23
C ILE B 89 -9.08 -14.41 25.57
N ARG B 90 -10.28 -14.53 26.12
CA ARG B 90 -11.27 -15.43 25.57
C ARG B 90 -11.87 -14.75 24.36
N ILE B 91 -11.70 -13.44 24.27
CA ILE B 91 -12.22 -12.71 23.12
C ILE B 91 -11.23 -12.84 21.95
N PHE B 92 -9.96 -12.51 22.20
CA PHE B 92 -8.96 -12.63 21.13
C PHE B 92 -8.99 -14.08 20.62
N GLN B 93 -8.94 -15.03 21.54
CA GLN B 93 -9.02 -16.44 21.18
C GLN B 93 -10.24 -16.62 20.31
N GLY B 94 -11.23 -15.75 20.52
CA GLY B 94 -12.45 -15.81 19.76
C GLY B 94 -12.21 -15.48 18.29
N CYS B 95 -11.47 -14.40 18.03
CA CYS B 95 -11.18 -14.00 16.67
C CYS B 95 -10.40 -15.10 15.96
N GLN B 96 -9.53 -15.79 16.70
CA GLN B 96 -8.74 -16.87 16.12
C GLN B 96 -9.63 -17.91 15.47
N PHE B 97 -10.38 -18.63 16.30
CA PHE B 97 -11.29 -19.68 15.85
C PHE B 97 -12.07 -19.29 14.61
N ARG B 98 -12.74 -18.14 14.68
CA ARG B 98 -13.52 -17.68 13.53
C ARG B 98 -12.64 -17.39 12.31
N SER B 99 -11.42 -16.92 12.55
CA SER B 99 -10.55 -16.61 11.43
C SER B 99 -10.11 -17.89 10.73
N VAL B 100 -10.02 -18.99 11.47
CA VAL B 100 -9.63 -20.27 10.90
C VAL B 100 -10.77 -20.79 10.02
N GLU B 101 -12.01 -20.47 10.38
CA GLU B 101 -13.15 -20.90 9.58
C GLU B 101 -13.16 -20.14 8.25
N ALA B 102 -13.03 -18.82 8.35
CA ALA B 102 -13.01 -17.95 7.18
C ALA B 102 -11.95 -18.43 6.18
N VAL B 103 -10.76 -18.75 6.68
CA VAL B 103 -9.71 -19.24 5.81
C VAL B 103 -10.23 -20.40 4.96
N GLN B 104 -10.91 -21.36 5.57
CA GLN B 104 -11.43 -22.48 4.80
C GLN B 104 -12.46 -22.01 3.80
N GLU B 105 -13.17 -20.95 4.14
CA GLU B 105 -14.14 -20.39 3.22
C GLU B 105 -13.45 -19.68 2.06
N ILE B 106 -12.35 -18.96 2.36
CA ILE B 106 -11.59 -18.25 1.34
C ILE B 106 -10.99 -19.23 0.34
N THR B 107 -10.32 -20.25 0.87
CA THR B 107 -9.68 -21.29 0.07
C THR B 107 -10.68 -21.92 -0.88
N GLU B 108 -11.89 -22.14 -0.40
CA GLU B 108 -12.91 -22.77 -1.24
C GLU B 108 -13.30 -21.82 -2.37
N TYR B 109 -13.52 -20.55 -2.03
CA TYR B 109 -13.86 -19.55 -3.02
C TYR B 109 -12.75 -19.44 -4.06
N ALA B 110 -11.51 -19.48 -3.59
CA ALA B 110 -10.35 -19.37 -4.46
C ALA B 110 -10.40 -20.40 -5.59
N LYS B 111 -10.68 -21.64 -5.22
CA LYS B 111 -10.74 -22.72 -6.18
C LYS B 111 -11.78 -22.51 -7.27
N SER B 112 -12.67 -21.55 -7.07
CA SER B 112 -13.68 -21.27 -8.09
C SER B 112 -13.16 -20.20 -9.06
N ILE B 113 -12.08 -19.52 -8.71
CA ILE B 113 -11.54 -18.50 -9.60
C ILE B 113 -10.91 -19.18 -10.82
N PRO B 114 -11.49 -18.97 -12.01
CA PRO B 114 -11.01 -19.56 -13.28
C PRO B 114 -9.52 -19.45 -13.47
N GLY B 115 -8.85 -20.60 -13.48
CA GLY B 115 -7.41 -20.65 -13.68
C GLY B 115 -6.62 -20.98 -12.43
N PHE B 116 -7.17 -20.66 -11.26
CA PHE B 116 -6.50 -20.88 -9.97
C PHE B 116 -6.00 -22.30 -9.70
N VAL B 117 -6.90 -23.27 -9.81
CA VAL B 117 -6.55 -24.66 -9.58
C VAL B 117 -5.56 -25.19 -10.61
N ASN B 118 -5.51 -24.59 -11.79
CA ASN B 118 -4.59 -25.07 -12.82
C ASN B 118 -3.14 -24.70 -12.56
N LEU B 119 -2.93 -23.74 -11.67
CA LEU B 119 -1.60 -23.28 -11.30
C LEU B 119 -0.82 -24.32 -10.49
N ASP B 120 0.47 -24.08 -10.36
CA ASP B 120 1.37 -24.92 -9.57
C ASP B 120 0.75 -25.01 -8.17
N LEU B 121 0.68 -26.20 -7.61
CA LEU B 121 0.07 -26.34 -6.29
C LEU B 121 0.80 -25.52 -5.23
N ASN B 122 2.12 -25.50 -5.25
CA ASN B 122 2.86 -24.71 -4.26
C ASN B 122 2.49 -23.23 -4.36
N ASP B 123 2.26 -22.73 -5.56
CA ASP B 123 1.88 -21.33 -5.73
C ASP B 123 0.47 -21.10 -5.18
N GLN B 124 -0.44 -22.05 -5.44
CA GLN B 124 -1.81 -21.95 -4.91
C GLN B 124 -1.72 -21.77 -3.40
N VAL B 125 -0.89 -22.59 -2.77
CA VAL B 125 -0.71 -22.51 -1.33
C VAL B 125 -0.12 -21.17 -0.95
N THR B 126 0.93 -20.75 -1.64
CA THR B 126 1.57 -19.47 -1.35
C THR B 126 0.62 -18.27 -1.52
N LEU B 127 -0.20 -18.29 -2.57
CA LEU B 127 -1.16 -17.22 -2.82
C LEU B 127 -2.17 -17.17 -1.67
N LEU B 128 -2.63 -18.34 -1.23
CA LEU B 128 -3.60 -18.41 -0.15
C LEU B 128 -3.02 -17.99 1.20
N LYS B 129 -1.78 -18.37 1.48
CA LYS B 129 -1.17 -18.00 2.75
C LYS B 129 -1.01 -16.50 2.94
N TYR B 130 -0.47 -15.80 1.93
CA TYR B 130 -0.29 -14.35 2.05
C TYR B 130 -1.55 -13.56 1.75
N GLY B 131 -2.53 -14.18 1.10
CA GLY B 131 -3.74 -13.45 0.78
C GLY B 131 -4.91 -13.49 1.75
N VAL B 132 -4.97 -14.48 2.63
CA VAL B 132 -6.09 -14.60 3.56
C VAL B 132 -6.28 -13.48 4.58
N HIS B 133 -5.20 -12.95 5.13
CA HIS B 133 -5.33 -11.87 6.11
C HIS B 133 -5.96 -10.67 5.44
N GLU B 134 -5.52 -10.36 4.23
CA GLU B 134 -6.05 -9.23 3.49
C GLU B 134 -7.51 -9.44 3.13
N ILE B 135 -7.90 -10.68 2.85
CA ILE B 135 -9.29 -10.95 2.51
C ILE B 135 -10.13 -10.95 3.78
N ILE B 136 -9.56 -11.39 4.89
CA ILE B 136 -10.30 -11.40 6.13
C ILE B 136 -10.70 -9.99 6.55
N TYR B 137 -9.81 -9.01 6.40
CA TYR B 137 -10.15 -7.65 6.80
C TYR B 137 -11.09 -6.94 5.86
N THR B 138 -11.02 -7.29 4.58
CA THR B 138 -11.91 -6.69 3.62
C THR B 138 -13.34 -7.13 3.96
N MET B 139 -13.48 -8.40 4.30
CA MET B 139 -14.79 -8.95 4.63
C MET B 139 -15.24 -8.59 6.05
N LEU B 140 -14.28 -8.23 6.89
CA LEU B 140 -14.60 -7.82 8.24
C LEU B 140 -15.30 -6.47 8.13
N ALA B 141 -14.88 -5.67 7.16
CA ALA B 141 -15.48 -4.37 6.95
C ALA B 141 -16.95 -4.53 6.61
N SER B 142 -17.29 -5.57 5.87
CA SER B 142 -18.68 -5.81 5.50
C SER B 142 -19.59 -6.04 6.70
N LEU B 143 -19.01 -6.50 7.80
CA LEU B 143 -19.80 -6.76 9.00
C LEU B 143 -19.59 -5.70 10.08
N MET B 144 -18.91 -4.62 9.75
CA MET B 144 -18.66 -3.56 10.72
C MET B 144 -19.28 -2.21 10.33
N ASN B 145 -19.34 -1.33 11.32
CA ASN B 145 -19.80 0.03 11.14
C ASN B 145 -19.04 0.80 12.19
N LYS B 146 -19.08 2.12 12.13
CA LYS B 146 -18.36 2.95 13.09
C LYS B 146 -18.60 2.66 14.58
N ASP B 147 -19.68 1.96 14.91
CA ASP B 147 -19.99 1.69 16.30
C ASP B 147 -19.80 0.25 16.74
N GLY B 148 -19.68 -0.67 15.79
CA GLY B 148 -19.50 -2.07 16.17
C GLY B 148 -19.37 -3.11 15.08
N VAL B 149 -19.12 -4.34 15.50
CA VAL B 149 -18.94 -5.48 14.61
C VAL B 149 -19.93 -6.62 14.87
N LEU B 150 -20.32 -7.28 13.79
CA LEU B 150 -21.25 -8.41 13.82
C LEU B 150 -20.47 -9.66 14.14
N ILE B 151 -20.92 -10.42 15.14
CA ILE B 151 -20.23 -11.65 15.51
C ILE B 151 -21.12 -12.91 15.46
N SER B 152 -20.48 -14.06 15.51
CA SER B 152 -21.14 -15.36 15.45
C SER B 152 -22.29 -15.43 14.45
N GLU B 153 -21.91 -15.47 13.17
CA GLU B 153 -22.87 -15.59 12.09
C GLU B 153 -23.91 -14.48 12.02
N GLY B 154 -23.65 -13.38 12.70
CA GLY B 154 -24.56 -12.26 12.66
C GLY B 154 -25.57 -12.25 13.79
N GLN B 155 -25.45 -13.25 14.67
CA GLN B 155 -26.34 -13.33 15.81
C GLN B 155 -26.06 -12.21 16.81
N GLY B 156 -24.78 -11.89 16.98
CA GLY B 156 -24.41 -10.84 17.91
C GLY B 156 -23.93 -9.56 17.27
N PHE B 157 -23.41 -8.67 18.12
CA PHE B 157 -22.89 -7.38 17.71
C PHE B 157 -22.10 -6.86 18.89
N MET B 158 -20.78 -7.04 18.87
CA MET B 158 -19.97 -6.54 19.97
C MET B 158 -19.65 -5.10 19.65
N THR B 159 -20.05 -4.20 20.55
CA THR B 159 -19.82 -2.77 20.37
C THR B 159 -18.34 -2.41 20.21
N ARG B 160 -18.09 -1.25 19.61
CA ARG B 160 -16.74 -0.77 19.38
C ARG B 160 -16.06 -0.26 20.65
N GLU B 161 -16.84 0.41 21.50
CA GLU B 161 -16.30 0.96 22.75
C GLU B 161 -15.82 -0.16 23.64
N PHE B 162 -16.63 -1.21 23.74
CA PHE B 162 -16.29 -2.37 24.55
C PHE B 162 -14.92 -2.93 24.15
N LEU B 163 -14.67 -3.01 22.86
CA LEU B 163 -13.39 -3.55 22.37
C LEU B 163 -12.20 -2.71 22.81
N LYS B 164 -12.37 -1.40 22.86
CA LYS B 164 -11.28 -0.52 23.30
C LYS B 164 -11.15 -0.68 24.80
N SER B 165 -12.30 -0.86 25.46
CA SER B 165 -12.34 -1.02 26.90
C SER B 165 -11.44 -2.17 27.34
N LEU B 166 -11.12 -3.08 26.42
CA LEU B 166 -10.26 -4.20 26.73
C LEU B 166 -8.88 -3.60 27.00
N ARG B 167 -8.15 -4.17 27.95
CA ARG B 167 -6.83 -3.65 28.35
C ARG B 167 -5.63 -4.17 27.56
N LYS B 168 -4.44 -3.95 28.12
CA LYS B 168 -3.18 -4.41 27.53
C LYS B 168 -3.12 -4.11 26.02
N PRO B 169 -2.58 -5.03 25.19
CA PRO B 169 -2.56 -4.69 23.76
C PRO B 169 -3.92 -4.92 23.14
N PHE B 170 -4.74 -5.72 23.82
CA PHE B 170 -6.06 -6.10 23.34
C PHE B 170 -6.96 -4.96 22.87
N GLY B 171 -7.24 -3.98 23.73
CA GLY B 171 -8.08 -2.88 23.28
C GLY B 171 -7.49 -2.16 22.08
N ASP B 172 -6.42 -2.70 21.52
CA ASP B 172 -5.77 -2.06 20.38
C ASP B 172 -5.96 -2.82 19.07
N PHE B 173 -6.21 -4.12 19.20
CA PHE B 173 -6.38 -4.97 18.05
C PHE B 173 -7.46 -4.51 17.07
N MET B 174 -8.69 -4.43 17.56
CA MET B 174 -9.82 -4.07 16.69
C MET B 174 -9.92 -2.62 16.20
N GLU B 175 -9.52 -1.67 17.03
CA GLU B 175 -9.64 -0.27 16.63
C GLU B 175 -9.14 0.02 15.22
N PRO B 176 -7.93 -0.44 14.86
CA PRO B 176 -7.35 -0.22 13.53
C PRO B 176 -8.20 -0.73 12.38
N LYS B 177 -8.98 -1.78 12.61
CA LYS B 177 -9.84 -2.35 11.58
C LYS B 177 -11.10 -1.49 11.43
N PHE B 178 -11.62 -1.00 12.55
CA PHE B 178 -12.81 -0.16 12.55
C PHE B 178 -12.47 1.09 11.73
N GLU B 179 -11.27 1.59 11.97
CA GLU B 179 -10.77 2.79 11.32
C GLU B 179 -10.65 2.51 9.83
N PHE B 180 -10.21 1.30 9.49
CA PHE B 180 -10.07 0.90 8.10
C PHE B 180 -11.45 0.66 7.49
N ALA B 181 -12.30 -0.03 8.25
CA ALA B 181 -13.65 -0.35 7.80
C ALA B 181 -14.43 0.90 7.42
N VAL B 182 -14.41 1.88 8.33
CA VAL B 182 -15.12 3.12 8.07
C VAL B 182 -14.71 3.69 6.72
N LYS B 183 -13.41 3.72 6.47
CA LYS B 183 -12.91 4.24 5.20
C LYS B 183 -13.28 3.34 4.00
N PHE B 184 -13.09 2.04 4.14
CA PHE B 184 -13.41 1.09 3.06
C PHE B 184 -14.90 1.14 2.68
N ASN B 185 -15.74 1.02 3.69
CA ASN B 185 -17.18 1.01 3.45
C ASN B 185 -17.68 2.28 2.78
N ALA B 186 -16.94 3.37 2.94
CA ALA B 186 -17.33 4.63 2.30
C ALA B 186 -17.47 4.44 0.79
N LEU B 187 -16.74 3.46 0.26
CA LEU B 187 -16.79 3.18 -1.16
C LEU B 187 -18.12 2.59 -1.58
N GLU B 188 -18.86 2.08 -0.59
CA GLU B 188 -20.18 1.48 -0.81
C GLU B 188 -20.21 0.34 -1.83
N LEU B 189 -19.21 -0.53 -1.78
CA LEU B 189 -19.17 -1.68 -2.67
C LEU B 189 -20.21 -2.66 -2.18
N ASP B 190 -20.71 -3.51 -3.06
CA ASP B 190 -21.68 -4.53 -2.64
C ASP B 190 -21.03 -5.89 -2.84
N ASP B 191 -21.74 -6.96 -2.48
CA ASP B 191 -21.23 -8.31 -2.63
C ASP B 191 -20.73 -8.59 -4.05
N SER B 192 -21.43 -8.07 -5.03
CA SER B 192 -21.05 -8.27 -6.41
C SER B 192 -19.68 -7.69 -6.71
N ASP B 193 -19.42 -6.52 -6.15
CA ASP B 193 -18.14 -5.85 -6.34
C ASP B 193 -17.00 -6.58 -5.61
N LEU B 194 -17.25 -6.90 -4.35
CA LEU B 194 -16.25 -7.55 -3.51
C LEU B 194 -15.80 -8.93 -4.00
N ALA B 195 -16.71 -9.70 -4.57
CA ALA B 195 -16.36 -11.03 -5.06
C ALA B 195 -15.17 -10.91 -6.02
N ILE B 196 -15.27 -9.98 -6.96
CA ILE B 196 -14.18 -9.77 -7.91
C ILE B 196 -12.95 -9.21 -7.19
N PHE B 197 -13.15 -8.17 -6.38
CA PHE B 197 -12.06 -7.56 -5.64
C PHE B 197 -11.25 -8.56 -4.82
N ILE B 198 -11.93 -9.51 -4.20
CA ILE B 198 -11.24 -10.51 -3.40
C ILE B 198 -10.43 -11.46 -4.25
N ALA B 199 -10.90 -11.73 -5.46
CA ALA B 199 -10.18 -12.61 -6.37
C ALA B 199 -8.88 -11.94 -6.83
N VAL B 200 -8.91 -10.61 -6.95
CA VAL B 200 -7.74 -9.82 -7.35
C VAL B 200 -6.65 -9.95 -6.30
N ILE B 201 -7.04 -9.83 -5.04
CA ILE B 201 -6.12 -9.93 -3.91
C ILE B 201 -5.40 -11.27 -3.89
N ILE B 202 -6.14 -12.33 -4.19
CA ILE B 202 -5.58 -13.67 -4.18
C ILE B 202 -4.59 -13.90 -5.31
N LEU B 203 -4.91 -13.39 -6.49
CA LEU B 203 -4.03 -13.54 -7.63
C LEU B 203 -2.97 -12.45 -7.69
N SER B 204 -2.24 -12.27 -6.60
CA SER B 204 -1.19 -11.26 -6.53
C SER B 204 0.17 -11.89 -6.85
N GLY B 205 0.73 -11.52 -8.00
CA GLY B 205 2.01 -12.05 -8.42
C GLY B 205 3.22 -11.63 -7.62
N ASP B 206 3.04 -10.71 -6.67
CA ASP B 206 4.16 -10.26 -5.87
C ASP B 206 4.30 -10.97 -4.52
N ARG B 207 3.63 -12.10 -4.36
CA ARG B 207 3.77 -12.83 -3.11
C ARG B 207 5.13 -13.50 -3.16
N PRO B 208 5.86 -13.46 -2.04
CA PRO B 208 7.18 -14.09 -2.02
C PRO B 208 7.12 -15.61 -2.17
N GLY B 209 8.11 -16.17 -2.86
CA GLY B 209 8.20 -17.60 -3.05
C GLY B 209 7.53 -18.18 -4.28
N LEU B 210 6.73 -17.39 -4.98
CA LEU B 210 6.05 -17.90 -6.16
C LEU B 210 7.01 -18.48 -7.19
N LEU B 211 6.58 -19.53 -7.88
CA LEU B 211 7.41 -20.19 -8.88
C LEU B 211 7.08 -19.76 -10.30
N ASN B 212 5.80 -19.60 -10.61
CA ASN B 212 5.41 -19.22 -11.96
C ASN B 212 4.46 -18.03 -11.92
N VAL B 213 5.04 -16.85 -11.82
CA VAL B 213 4.32 -15.59 -11.74
C VAL B 213 3.42 -15.23 -12.92
N LYS B 214 3.85 -15.54 -14.13
CA LYS B 214 3.09 -15.18 -15.33
C LYS B 214 1.61 -15.53 -15.38
N PRO B 215 1.24 -16.79 -15.06
CA PRO B 215 -0.16 -17.23 -15.08
C PRO B 215 -0.99 -16.50 -14.04
N ILE B 216 -0.40 -16.25 -12.89
CA ILE B 216 -1.06 -15.55 -11.80
C ILE B 216 -1.40 -14.12 -12.27
N GLU B 217 -0.39 -13.43 -12.80
CA GLU B 217 -0.59 -12.07 -13.28
C GLU B 217 -1.55 -12.01 -14.46
N ASP B 218 -1.53 -13.01 -15.34
CA ASP B 218 -2.45 -13.02 -16.47
C ASP B 218 -3.88 -13.18 -15.94
N ILE B 219 -4.04 -13.99 -14.90
CA ILE B 219 -5.36 -14.19 -14.32
C ILE B 219 -5.79 -12.85 -13.67
N GLN B 220 -4.92 -12.27 -12.86
CA GLN B 220 -5.26 -11.01 -12.22
C GLN B 220 -5.54 -9.90 -13.23
N ASP B 221 -4.81 -9.87 -14.35
CA ASP B 221 -5.04 -8.84 -15.38
C ASP B 221 -6.49 -8.95 -15.83
N ASN B 222 -6.89 -10.19 -16.08
CA ASN B 222 -8.23 -10.50 -16.54
C ASN B 222 -9.26 -10.23 -15.43
N LEU B 223 -8.90 -10.51 -14.19
CA LEU B 223 -9.79 -10.24 -13.07
C LEU B 223 -9.93 -8.73 -12.89
N LEU B 224 -8.85 -8.00 -13.13
CA LEU B 224 -8.89 -6.53 -12.98
C LEU B 224 -9.77 -5.88 -14.04
N GLN B 225 -9.76 -6.42 -15.26
CA GLN B 225 -10.59 -5.88 -16.31
C GLN B 225 -12.04 -6.10 -15.93
N ALA B 226 -12.33 -7.27 -15.37
CA ALA B 226 -13.68 -7.58 -14.96
C ALA B 226 -14.14 -6.69 -13.82
N LEU B 227 -13.25 -6.45 -12.86
CA LEU B 227 -13.56 -5.60 -11.73
C LEU B 227 -13.81 -4.17 -12.18
N GLU B 228 -12.95 -3.67 -13.05
CA GLU B 228 -13.11 -2.31 -13.56
C GLU B 228 -14.48 -2.16 -14.24
N LEU B 229 -14.84 -3.12 -15.09
CA LEU B 229 -16.11 -3.06 -15.81
C LEU B 229 -17.28 -3.15 -14.83
N GLN B 230 -17.17 -4.04 -13.85
CA GLN B 230 -18.19 -4.24 -12.84
C GLN B 230 -18.50 -2.93 -12.10
N LEU B 231 -17.46 -2.17 -11.76
CA LEU B 231 -17.62 -0.90 -11.07
C LEU B 231 -18.21 0.20 -11.96
N LYS B 232 -18.00 0.15 -13.26
CA LYS B 232 -18.55 1.15 -14.15
C LYS B 232 -20.07 1.00 -14.30
N LEU B 233 -20.51 -0.23 -14.49
CA LEU B 233 -21.92 -0.54 -14.66
C LEU B 233 -22.67 -0.53 -13.34
N ASN B 234 -21.97 -0.89 -12.26
CA ASN B 234 -22.60 -0.96 -10.96
C ASN B 234 -22.68 0.38 -10.23
N HIS B 235 -21.79 1.30 -10.59
CA HIS B 235 -21.77 2.62 -9.97
C HIS B 235 -21.32 3.60 -11.02
N PRO B 236 -22.14 3.78 -12.07
CA PRO B 236 -21.82 4.73 -13.15
C PRO B 236 -21.51 6.08 -12.55
N GLU B 237 -22.13 6.32 -11.41
CA GLU B 237 -22.00 7.57 -10.68
C GLU B 237 -20.63 7.82 -10.03
N SER B 238 -20.07 6.80 -9.39
CA SER B 238 -18.79 6.97 -8.70
C SER B 238 -17.60 7.00 -9.64
N SER B 239 -17.16 8.21 -9.98
CA SER B 239 -16.04 8.39 -10.89
C SER B 239 -14.76 7.85 -10.28
N GLN B 240 -13.94 7.21 -11.10
CA GLN B 240 -12.66 6.65 -10.68
C GLN B 240 -12.72 5.72 -9.46
N LEU B 241 -13.85 5.04 -9.26
CA LEU B 241 -13.99 4.13 -8.14
C LEU B 241 -12.94 3.01 -8.19
N PHE B 242 -12.71 2.50 -9.39
CA PHE B 242 -11.73 1.44 -9.62
C PHE B 242 -10.37 1.82 -9.02
N ALA B 243 -9.93 3.04 -9.32
CA ALA B 243 -8.66 3.55 -8.83
C ALA B 243 -8.66 3.68 -7.31
N LYS B 244 -9.71 4.27 -6.76
CA LYS B 244 -9.83 4.45 -5.32
C LYS B 244 -9.80 3.11 -4.58
N LEU B 245 -10.41 2.08 -5.18
CA LEU B 245 -10.44 0.77 -4.57
C LEU B 245 -9.07 0.11 -4.55
N LEU B 246 -8.31 0.27 -5.62
CA LEU B 246 -6.98 -0.30 -5.70
C LEU B 246 -6.07 0.38 -4.68
N GLN B 247 -6.28 1.67 -4.48
CA GLN B 247 -5.49 2.44 -3.52
C GLN B 247 -5.72 1.90 -2.11
N LYS B 248 -6.80 1.13 -1.93
CA LYS B 248 -7.12 0.54 -0.63
C LYS B 248 -6.25 -0.65 -0.26
N MET B 249 -5.57 -1.23 -1.23
CA MET B 249 -4.73 -2.37 -0.94
C MET B 249 -3.57 -1.93 -0.08
N THR B 250 -3.27 -0.63 -0.13
CA THR B 250 -2.19 -0.05 0.66
C THR B 250 -2.58 -0.12 2.15
N ASP B 251 -3.83 0.23 2.43
CA ASP B 251 -4.36 0.22 3.79
C ASP B 251 -4.36 -1.20 4.35
N LEU B 252 -4.82 -2.16 3.53
CA LEU B 252 -4.85 -3.56 3.92
C LEU B 252 -3.47 -4.06 4.28
N ARG B 253 -2.52 -3.96 3.36
CA ARG B 253 -1.15 -4.42 3.60
C ARG B 253 -0.62 -3.87 4.92
N GLN B 254 -0.71 -2.57 5.12
CA GLN B 254 -0.24 -1.95 6.33
C GLN B 254 -0.99 -2.51 7.54
N ILE B 255 -2.31 -2.54 7.45
CA ILE B 255 -3.11 -3.05 8.55
C ILE B 255 -2.75 -4.49 8.88
N VAL B 256 -2.24 -5.24 7.91
CA VAL B 256 -1.86 -6.64 8.13
C VAL B 256 -0.48 -6.73 8.82
N THR B 257 0.47 -5.94 8.35
CA THR B 257 1.80 -5.95 8.96
C THR B 257 1.68 -5.58 10.44
N GLU B 258 0.84 -4.58 10.73
CA GLU B 258 0.63 -4.14 12.11
C GLU B 258 0.03 -5.29 12.90
N HIS B 259 -1.12 -5.79 12.48
CA HIS B 259 -1.78 -6.90 13.17
C HIS B 259 -0.70 -7.89 13.61
N VAL B 260 0.19 -8.21 12.68
CA VAL B 260 1.28 -9.13 12.93
C VAL B 260 2.15 -8.63 14.06
N GLN B 261 2.27 -7.32 14.20
CA GLN B 261 3.08 -6.73 15.27
C GLN B 261 2.44 -7.10 16.61
N LEU B 262 1.18 -6.72 16.80
CA LEU B 262 0.48 -7.02 18.04
C LEU B 262 0.59 -8.51 18.41
N LEU B 263 0.58 -9.40 17.41
CA LEU B 263 0.73 -10.83 17.70
C LEU B 263 2.09 -11.02 18.37
N GLN B 264 3.07 -10.26 17.86
CA GLN B 264 4.44 -10.28 18.36
C GLN B 264 4.36 -9.86 19.82
N VAL B 265 3.86 -8.65 20.05
CA VAL B 265 3.72 -8.11 21.40
C VAL B 265 2.90 -9.06 22.27
N ILE B 266 1.80 -9.56 21.69
CA ILE B 266 0.87 -10.45 22.38
C ILE B 266 1.54 -11.62 23.05
N LYS B 267 2.60 -12.14 22.46
CA LYS B 267 3.26 -13.29 23.06
C LYS B 267 3.77 -13.09 24.49
N LYS B 268 3.89 -11.84 24.92
CA LYS B 268 4.31 -11.55 26.29
C LYS B 268 3.03 -11.65 27.12
N THR B 269 2.22 -12.65 26.80
CA THR B 269 0.94 -12.89 27.47
C THR B 269 0.69 -14.42 27.54
N GLU B 270 -0.57 -14.79 27.80
CA GLU B 270 -0.97 -16.20 27.90
C GLU B 270 -1.63 -16.77 26.62
N THR B 271 -1.37 -18.03 26.37
CA THR B 271 -1.90 -18.74 25.22
C THR B 271 -2.80 -19.88 25.72
N HIS B 276 -4.91 -28.04 24.86
CA HIS B 276 -4.24 -26.81 24.46
C HIS B 276 -3.11 -27.16 23.49
N PRO B 277 -2.17 -28.01 23.93
CA PRO B 277 -1.11 -28.36 22.99
C PRO B 277 -1.69 -28.72 21.63
N LEU B 278 -2.85 -29.37 21.61
CA LEU B 278 -3.45 -29.76 20.34
C LEU B 278 -4.24 -28.57 19.80
N LEU B 279 -4.60 -27.68 20.72
CA LEU B 279 -5.32 -26.46 20.37
C LEU B 279 -4.42 -25.48 19.65
N GLN B 280 -3.25 -25.22 20.22
CA GLN B 280 -2.29 -24.30 19.61
C GLN B 280 -1.84 -24.81 18.24
N GLU B 281 -1.88 -26.13 18.07
CA GLU B 281 -1.48 -26.73 16.81
C GLU B 281 -2.40 -26.24 15.69
N ILE B 282 -3.69 -26.13 15.97
CA ILE B 282 -4.59 -25.68 14.92
C ILE B 282 -4.33 -24.23 14.57
N TYR B 283 -4.14 -23.39 15.59
CA TYR B 283 -3.90 -21.97 15.37
C TYR B 283 -2.43 -21.58 15.29
#